data_8D5E
#
_entry.id   8D5E
#
_cell.length_a   53.750
_cell.length_b   80.590
_cell.length_c   100.020
_cell.angle_alpha   90.000
_cell.angle_beta   90.000
_cell.angle_gamma   90.000
#
_symmetry.space_group_name_H-M   'P 21 21 21'
#
loop_
_entity.id
_entity.type
_entity.pdbx_description
1 polymer 'H-2 class I histocompatibility antigen, D-D alpha chain'
2 polymer Beta-2-microglobulin
3 polymer 'Transcription initiation factor IIB'
4 non-polymer GLYCEROL
5 water water
#
loop_
_entity_poly.entity_id
_entity_poly.type
_entity_poly.pdbx_seq_one_letter_code
_entity_poly.pdbx_strand_id
1 'polypeptide(L)'
;SHSLRYFVTAVSRPGFGEPRYMEVGYVDNTEFVRFDSDAENPRYEPRARWIEQEGPEYWERETRRAKGNEQSFRVDLRTA
LRYYNQSAGGSHTLQWMAGCDVESDGRLLRGYWQFAYDGCDYIALNEDLKTWTAADMAAQITRRKWEQAGAAERDRAYLE
GECVEWLRRYLKNGNATLLRTDPPKAHVTHHRRPEGDVTLRCWALGFYPADITLTWQLNGEELTQEMELVETRPAGDGTF
QKWASVVVPLGKEQKYTCHVEHEGLPEPLTLRWG
;
A
2 'polypeptide(L)'
;MIQKTPQIQVYSRHPPENGKPNILNCYVTQFHPPHIEIQMLKNGKKIPKVEMSDMSFSKDWSFYILAHTEFTPTETDTYA
CRVKHASMAEPKTVYWDRDM
;
B
3 'polypeptide(L)' TGAASFDEF P
#
# COMPACT_ATOMS: atom_id res chain seq x y z
N SER A 1 -18.54 5.06 -2.52
CA SER A 1 -18.01 5.58 -1.24
C SER A 1 -16.56 6.01 -1.39
N HIS A 2 -16.12 6.88 -0.48
CA HIS A 2 -14.75 7.35 -0.38
C HIS A 2 -14.25 7.21 1.06
N SER A 3 -12.92 7.19 1.21
CA SER A 3 -12.31 6.95 2.51
C SER A 3 -11.18 7.94 2.80
N LEU A 4 -11.05 8.34 4.08
CA LEU A 4 -9.85 8.97 4.60
C LEU A 4 -9.25 8.07 5.67
N ARG A 5 -7.97 7.69 5.53
CA ARG A 5 -7.36 6.71 6.43
C ARG A 5 -5.98 7.20 6.84
N TYR A 6 -5.65 6.95 8.12
CA TYR A 6 -4.33 7.23 8.68
C TYR A 6 -3.70 5.91 9.15
N PHE A 7 -2.54 5.58 8.58
CA PHE A 7 -1.83 4.36 8.91
C PHE A 7 -0.60 4.75 9.72
N VAL A 8 -0.54 4.24 10.95
CA VAL A 8 0.48 4.62 11.91
C VAL A 8 1.27 3.40 12.34
N THR A 9 2.61 3.56 12.40
CA THR A 9 3.49 2.50 12.84
C THR A 9 4.53 3.07 13.79
N ALA A 10 4.75 2.33 14.87
CA ALA A 10 5.88 2.54 15.77
C ALA A 10 6.64 1.22 15.89
N VAL A 11 7.97 1.26 15.76
CA VAL A 11 8.81 0.05 15.75
C VAL A 11 9.97 0.31 16.69
N SER A 12 10.14 -0.53 17.72
CA SER A 12 11.34 -0.41 18.55
C SER A 12 12.53 -1.14 17.91
N ARG A 13 13.72 -0.55 18.08
CA ARG A 13 14.96 -1.16 17.66
C ARG A 13 15.98 -1.04 18.80
N PRO A 14 15.84 -1.77 19.93
CA PRO A 14 16.69 -1.57 21.10
C PRO A 14 18.17 -1.87 20.81
N GLY A 15 19.03 -0.87 21.10
CA GLY A 15 20.45 -0.92 20.81
C GLY A 15 20.91 -0.15 19.57
N PHE A 16 19.96 0.21 18.68
CA PHE A 16 20.23 1.03 17.51
C PHE A 16 19.20 2.15 17.42
N GLY A 17 19.00 2.86 18.53
CA GLY A 17 18.24 4.12 18.47
C GLY A 17 16.89 4.04 19.16
N GLU A 18 16.21 5.19 19.19
CA GLU A 18 14.86 5.34 19.74
C GLU A 18 13.88 4.63 18.78
N PRO A 19 12.65 4.25 19.22
CA PRO A 19 11.70 3.60 18.31
C PRO A 19 11.39 4.52 17.14
N ARG A 20 11.22 3.97 15.92
CA ARG A 20 10.82 4.80 14.79
C ARG A 20 9.31 4.99 14.76
N TYR A 21 8.88 6.24 14.49
CA TYR A 21 7.45 6.54 14.39
C TYR A 21 7.07 7.07 13.00
N MET A 22 5.99 6.56 12.41
CA MET A 22 5.54 7.01 11.10
C MET A 22 4.01 7.19 11.04
N GLU A 23 3.57 8.18 10.27
CA GLU A 23 2.18 8.28 9.88
C GLU A 23 2.10 8.52 8.38
N VAL A 24 1.11 7.89 7.75
CA VAL A 24 0.79 8.16 6.36
C VAL A 24 -0.72 8.25 6.23
N GLY A 25 -1.19 9.26 5.49
CA GLY A 25 -2.61 9.52 5.33
C GLY A 25 -3.01 9.34 3.87
N TYR A 26 -4.19 8.74 3.65
CA TYR A 26 -4.69 8.43 2.32
C TYR A 26 -6.11 8.95 2.16
N VAL A 27 -6.41 9.53 0.99
CA VAL A 27 -7.79 9.66 0.54
C VAL A 27 -7.99 8.65 -0.58
N ASP A 28 -8.96 7.72 -0.40
CA ASP A 28 -9.09 6.54 -1.23
C ASP A 28 -7.80 5.72 -1.14
N ASN A 29 -7.13 5.54 -2.26
CA ASN A 29 -5.92 4.74 -2.23
C ASN A 29 -4.74 5.67 -2.47
N THR A 30 -5.01 6.99 -2.42
CA THR A 30 -4.01 7.97 -2.80
C THR A 30 -3.45 8.63 -1.56
N GLU A 31 -2.12 8.49 -1.41
CA GLU A 31 -1.37 9.04 -0.31
C GLU A 31 -1.24 10.56 -0.45
N PHE A 32 -1.53 11.29 0.63
CA PHE A 32 -1.46 12.75 0.56
C PHE A 32 -0.56 13.36 1.64
N VAL A 33 -0.29 12.68 2.76
CA VAL A 33 0.49 13.27 3.86
C VAL A 33 1.39 12.21 4.49
N ARG A 34 2.52 12.61 5.10
CA ARG A 34 3.35 11.64 5.84
C ARG A 34 4.11 12.37 6.93
N PHE A 35 4.34 11.66 8.05
CA PHE A 35 5.24 12.06 9.12
C PHE A 35 6.21 10.92 9.44
N ASP A 36 7.51 11.22 9.60
CA ASP A 36 8.49 10.18 9.84
C ASP A 36 9.50 10.70 10.86
N SER A 37 9.68 10.00 11.98
CA SER A 37 10.50 10.47 13.09
C SER A 37 11.99 10.46 12.74
N ASP A 38 12.35 9.76 11.66
CA ASP A 38 13.73 9.63 11.23
C ASP A 38 14.18 10.77 10.33
N ALA A 39 13.23 11.57 9.81
CA ALA A 39 13.58 12.73 9.00
C ALA A 39 14.40 13.71 9.85
N GLU A 40 15.12 14.63 9.18
CA GLU A 40 16.02 15.58 9.83
C GLU A 40 15.25 16.44 10.82
N ASN A 41 14.29 17.21 10.29
CA ASN A 41 13.37 17.98 11.10
C ASN A 41 11.98 17.34 10.99
N PRO A 42 11.63 16.35 11.84
CA PRO A 42 10.40 15.59 11.64
C PRO A 42 9.16 16.48 11.70
N ARG A 43 8.38 16.49 10.62
CA ARG A 43 7.23 17.36 10.51
C ARG A 43 6.23 16.71 9.55
N TYR A 44 4.95 17.05 9.69
CA TYR A 44 4.01 16.62 8.67
C TYR A 44 4.38 17.28 7.33
N GLU A 45 4.35 16.48 6.25
CA GLU A 45 4.73 16.96 4.94
C GLU A 45 3.68 16.57 3.92
N PRO A 46 3.43 17.41 2.89
CA PRO A 46 2.54 17.05 1.79
C PRO A 46 3.17 15.98 0.90
N ARG A 47 2.29 15.11 0.38
CA ARG A 47 2.66 14.04 -0.55
C ARG A 47 1.80 14.07 -1.82
N ALA A 48 0.94 15.08 -1.98
CA ALA A 48 0.22 15.36 -3.23
C ALA A 48 0.15 16.88 -3.42
N ARG A 49 0.04 17.34 -4.66
CA ARG A 49 0.01 18.77 -4.97
C ARG A 49 -1.20 19.47 -4.34
N TRP A 50 -2.35 18.80 -4.30
CA TRP A 50 -3.59 19.46 -3.85
C TRP A 50 -3.59 19.80 -2.35
N ILE A 51 -2.89 19.02 -1.51
CA ILE A 51 -2.81 19.30 -0.08
C ILE A 51 -1.90 20.49 0.20
N GLU A 52 -1.02 20.87 -0.75
CA GLU A 52 -0.09 21.96 -0.50
C GLU A 52 -0.81 23.29 -0.29
N GLN A 53 -2.08 23.38 -0.74
CA GLN A 53 -2.95 24.54 -0.60
C GLN A 53 -3.24 24.86 0.86
N GLU A 54 -3.11 23.88 1.78
CA GLU A 54 -3.43 24.14 3.18
C GLU A 54 -2.37 25.07 3.75
N GLY A 55 -2.80 26.04 4.55
CA GLY A 55 -1.89 27.03 5.10
C GLY A 55 -1.03 26.49 6.23
N PRO A 56 -0.07 27.31 6.74
CA PRO A 56 0.88 26.87 7.77
C PRO A 56 0.29 26.29 9.05
N GLU A 57 -0.87 26.82 9.49
CA GLU A 57 -1.52 26.35 10.70
C GLU A 57 -1.85 24.86 10.60
N TYR A 58 -2.36 24.45 9.44
CA TYR A 58 -2.64 23.04 9.19
C TYR A 58 -1.39 22.20 9.49
N TRP A 59 -0.22 22.61 8.97
CA TRP A 59 1.02 21.83 9.11
C TRP A 59 1.55 21.85 10.54
N GLU A 60 1.38 22.98 11.23
CA GLU A 60 1.80 23.07 12.62
C GLU A 60 0.96 22.16 13.51
N ARG A 61 -0.36 22.16 13.29
CA ARG A 61 -1.25 21.35 14.11
C ARG A 61 -0.99 19.87 13.84
N GLU A 62 -0.93 19.50 12.56
CA GLU A 62 -0.76 18.09 12.22
C GLU A 62 0.58 17.58 12.75
N THR A 63 1.62 18.43 12.77
CA THR A 63 2.93 18.08 13.29
C THR A 63 2.85 17.79 14.79
N ARG A 64 2.19 18.68 15.53
CA ARG A 64 2.06 18.56 16.99
C ARG A 64 1.21 17.32 17.33
N ARG A 65 0.17 17.06 16.54
CA ARG A 65 -0.62 15.86 16.71
C ARG A 65 0.23 14.59 16.54
N ALA A 66 1.05 14.55 15.47
CA ALA A 66 1.90 13.37 15.25
C ALA A 66 2.92 13.20 16.39
N LYS A 67 3.56 14.29 16.81
CA LYS A 67 4.51 14.25 17.93
C LYS A 67 3.85 13.77 19.23
N GLY A 68 2.61 14.20 19.52
CA GLY A 68 1.83 13.68 20.63
C GLY A 68 1.52 12.18 20.51
N ASN A 69 1.07 11.74 19.33
CA ASN A 69 0.85 10.31 19.10
C ASN A 69 2.15 9.52 19.29
N GLU A 70 3.29 10.07 18.82
CA GLU A 70 4.59 9.39 18.90
C GLU A 70 4.95 9.07 20.34
N GLN A 71 4.90 10.06 21.24
CA GLN A 71 5.19 9.92 22.66
C GLN A 71 4.28 8.84 23.27
N SER A 72 3.02 8.88 22.83
CA SER A 72 1.97 8.01 23.34
C SER A 72 2.18 6.58 22.83
N PHE A 73 2.64 6.39 21.59
CA PHE A 73 2.95 5.05 21.08
C PHE A 73 4.20 4.44 21.75
N ARG A 74 5.13 5.29 22.20
CA ARG A 74 6.33 4.79 22.84
C ARG A 74 5.99 4.27 24.23
N VAL A 75 5.00 4.91 24.89
CA VAL A 75 4.50 4.41 26.13
C VAL A 75 3.73 3.13 25.86
N ASP A 76 2.91 3.10 24.82
CA ASP A 76 2.22 1.85 24.52
C ASP A 76 3.20 0.67 24.36
N LEU A 77 4.35 0.89 23.70
CA LEU A 77 5.28 -0.20 23.45
C LEU A 77 5.83 -0.72 24.79
N ARG A 78 6.18 0.20 25.70
CA ARG A 78 6.71 -0.19 27.01
C ARG A 78 5.67 -0.96 27.82
N THR A 79 4.41 -0.45 27.80
CA THR A 79 3.29 -1.13 28.42
C THR A 79 3.09 -2.55 27.86
N ALA A 80 3.08 -2.70 26.53
CA ALA A 80 3.00 -4.02 25.91
C ALA A 80 4.07 -4.98 26.43
N LEU A 81 5.32 -4.52 26.66
CA LEU A 81 6.36 -5.35 27.26
C LEU A 81 5.98 -5.93 28.65
N ARG A 82 5.44 -5.08 29.55
CA ARG A 82 4.94 -5.50 30.85
C ARG A 82 3.74 -6.47 30.73
N TYR A 83 2.76 -6.15 29.89
CA TYR A 83 1.58 -7.00 29.70
C TYR A 83 1.96 -8.40 29.19
N TYR A 84 3.04 -8.51 28.38
CA TYR A 84 3.39 -9.78 27.77
C TYR A 84 4.66 -10.35 28.40
N ASN A 85 5.20 -9.65 29.40
CA ASN A 85 6.40 -10.12 30.10
C ASN A 85 7.55 -10.35 29.11
N GLN A 86 7.77 -9.37 28.24
CA GLN A 86 8.84 -9.44 27.27
C GLN A 86 9.99 -8.58 27.81
N SER A 87 11.19 -8.83 27.29
CA SER A 87 12.41 -8.16 27.71
C SER A 87 12.56 -6.87 26.90
N ALA A 88 13.53 -6.03 27.31
CA ALA A 88 13.81 -4.79 26.59
C ALA A 88 14.94 -4.96 25.56
N GLY A 89 15.13 -6.19 25.07
CA GLY A 89 16.15 -6.43 24.06
C GLY A 89 15.55 -6.73 22.68
N GLY A 90 14.26 -7.07 22.64
CA GLY A 90 13.63 -7.48 21.40
C GLY A 90 12.96 -6.29 20.72
N SER A 91 12.90 -6.34 19.38
CA SER A 91 12.26 -5.32 18.55
C SER A 91 10.76 -5.63 18.43
N HIS A 92 9.90 -4.63 18.60
CA HIS A 92 8.46 -4.89 18.54
C HIS A 92 7.74 -3.85 17.69
N THR A 93 6.55 -4.20 17.21
CA THR A 93 5.83 -3.34 16.28
C THR A 93 4.45 -2.99 16.85
N LEU A 94 4.07 -1.73 16.72
CA LEU A 94 2.71 -1.34 17.05
C LEU A 94 2.11 -0.57 15.87
N GLN A 95 0.98 -1.08 15.37
CA GLN A 95 0.30 -0.46 14.23
C GLN A 95 -1.10 0.01 14.62
N TRP A 96 -1.53 1.10 13.97
CA TRP A 96 -2.82 1.68 14.19
C TRP A 96 -3.38 2.17 12.85
N MET A 97 -4.64 1.83 12.58
CA MET A 97 -5.37 2.41 11.45
C MET A 97 -6.66 3.06 11.96
N ALA A 98 -6.82 4.37 11.69
CA ALA A 98 -8.01 5.11 12.03
C ALA A 98 -8.51 5.85 10.79
N GLY A 99 -9.84 5.90 10.61
CA GLY A 99 -10.40 6.74 9.57
C GLY A 99 -11.86 6.39 9.33
N CYS A 100 -12.39 6.80 8.16
CA CYS A 100 -13.82 6.84 7.90
C CYS A 100 -14.09 6.52 6.44
N ASP A 101 -15.17 5.75 6.18
CA ASP A 101 -15.75 5.58 4.86
C ASP A 101 -17.07 6.35 4.80
N VAL A 102 -17.20 7.21 3.78
CA VAL A 102 -18.43 7.97 3.59
C VAL A 102 -19.03 7.61 2.24
N GLU A 103 -20.37 7.62 2.16
CA GLU A 103 -21.08 7.32 0.93
C GLU A 103 -20.93 8.48 -0.05
N SER A 104 -21.36 8.27 -1.30
CA SER A 104 -21.49 9.33 -2.30
C SER A 104 -22.32 10.48 -1.73
N ASP A 105 -23.26 10.13 -0.84
CA ASP A 105 -24.08 11.00 -0.03
C ASP A 105 -23.22 11.98 0.78
N GLY A 106 -22.25 11.44 1.52
CA GLY A 106 -21.46 12.24 2.45
C GLY A 106 -21.60 11.81 3.91
N ARG A 107 -22.65 11.05 4.26
CA ARG A 107 -22.84 10.44 5.58
C ARG A 107 -21.83 9.32 5.80
N LEU A 108 -21.57 8.96 7.06
CA LEU A 108 -20.59 7.95 7.42
C LEU A 108 -21.09 6.55 7.09
N LEU A 109 -20.22 5.71 6.55
CA LEU A 109 -20.58 4.33 6.30
C LEU A 109 -19.87 3.43 7.31
N ARG A 110 -18.59 3.67 7.58
CA ARG A 110 -17.83 2.86 8.53
C ARG A 110 -16.68 3.69 9.11
N GLY A 111 -16.56 3.67 10.44
CA GLY A 111 -15.43 4.23 11.17
C GLY A 111 -14.47 3.12 11.59
N TYR A 112 -13.17 3.45 11.68
CA TYR A 112 -12.12 2.50 11.99
C TYR A 112 -11.14 3.08 12.99
N TRP A 113 -10.92 2.35 14.08
CA TRP A 113 -9.89 2.70 15.04
C TRP A 113 -9.38 1.41 15.65
N GLN A 114 -8.25 0.90 15.13
CA GLN A 114 -7.84 -0.48 15.40
C GLN A 114 -6.32 -0.54 15.55
N PHE A 115 -5.84 -1.37 16.48
CA PHE A 115 -4.43 -1.51 16.76
C PHE A 115 -3.95 -2.94 16.51
N ALA A 116 -2.64 -3.09 16.24
CA ALA A 116 -2.02 -4.41 16.19
C ALA A 116 -0.63 -4.33 16.85
N TYR A 117 -0.29 -5.42 17.55
CA TYR A 117 0.97 -5.57 18.24
C TYR A 117 1.70 -6.75 17.61
N ASP A 118 2.92 -6.48 17.10
CA ASP A 118 3.69 -7.48 16.38
C ASP A 118 2.84 -8.16 15.30
N GLY A 119 2.01 -7.38 14.59
CA GLY A 119 1.31 -7.84 13.38
C GLY A 119 0.09 -8.70 13.69
N CYS A 120 -0.29 -8.76 14.98
CA CYS A 120 -1.49 -9.44 15.42
C CYS A 120 -2.49 -8.42 15.97
N ASP A 121 -3.79 -8.66 15.73
CA ASP A 121 -4.87 -7.90 16.32
C ASP A 121 -4.69 -7.76 17.83
N TYR A 122 -4.86 -6.51 18.27
CA TYR A 122 -4.72 -6.21 19.69
C TYR A 122 -6.04 -5.69 20.24
N ILE A 123 -6.53 -4.55 19.74
CA ILE A 123 -7.80 -3.97 20.16
C ILE A 123 -8.37 -3.17 18.98
N ALA A 124 -9.71 -3.17 18.87
CA ALA A 124 -10.37 -2.45 17.78
C ALA A 124 -11.70 -1.88 18.30
N LEU A 125 -12.03 -0.67 17.82
CA LEU A 125 -13.35 -0.11 18.08
C LEU A 125 -14.32 -0.87 17.17
N ASN A 126 -15.44 -1.31 17.77
CA ASN A 126 -16.46 -2.06 17.05
C ASN A 126 -17.18 -1.12 16.07
N GLU A 127 -17.83 -1.72 15.07
CA GLU A 127 -18.56 -1.01 14.04
C GLU A 127 -19.62 -0.06 14.63
N ASP A 128 -20.12 -0.37 15.83
CA ASP A 128 -21.11 0.44 16.51
C ASP A 128 -20.48 1.77 16.98
N LEU A 129 -19.14 1.85 17.02
CA LEU A 129 -18.34 2.95 17.55
C LEU A 129 -18.62 3.20 19.04
N LYS A 130 -19.05 2.16 19.79
CA LYS A 130 -19.37 2.27 21.21
C LYS A 130 -18.53 1.36 22.13
N THR A 131 -18.08 0.21 21.62
CA THR A 131 -17.44 -0.83 22.41
C THR A 131 -16.17 -1.31 21.71
N TRP A 132 -15.31 -2.00 22.47
CA TRP A 132 -14.04 -2.46 21.93
C TRP A 132 -14.07 -3.98 21.82
N THR A 133 -13.23 -4.52 20.94
CA THR A 133 -12.94 -5.94 20.89
C THR A 133 -11.46 -6.12 21.23
N ALA A 134 -11.17 -6.74 22.38
CA ALA A 134 -9.84 -7.10 22.80
C ALA A 134 -9.55 -8.52 22.32
N ALA A 135 -8.35 -8.76 21.76
CA ALA A 135 -8.03 -10.05 21.12
C ALA A 135 -7.42 -11.05 22.11
N ASP A 136 -6.91 -10.60 23.26
CA ASP A 136 -6.25 -11.48 24.21
C ASP A 136 -6.38 -10.83 25.58
N MET A 137 -5.83 -11.50 26.61
CA MET A 137 -5.96 -11.11 28.01
C MET A 137 -5.28 -9.76 28.26
N ALA A 138 -4.16 -9.49 27.56
CA ALA A 138 -3.45 -8.23 27.65
C ALA A 138 -4.29 -7.07 27.09
N ALA A 139 -4.92 -7.27 25.93
CA ALA A 139 -5.76 -6.25 25.33
C ALA A 139 -7.00 -5.99 26.19
N GLN A 140 -7.43 -6.99 27.00
CA GLN A 140 -8.55 -6.84 27.92
C GLN A 140 -8.20 -5.79 28.97
N ILE A 141 -6.93 -5.76 29.41
CA ILE A 141 -6.51 -4.74 30.37
C ILE A 141 -6.70 -3.35 29.77
N THR A 142 -6.29 -3.18 28.51
CA THR A 142 -6.37 -1.90 27.82
C THR A 142 -7.83 -1.49 27.62
N ARG A 143 -8.68 -2.46 27.25
CA ARG A 143 -10.12 -2.25 27.05
C ARG A 143 -10.76 -1.69 28.31
N ARG A 144 -10.47 -2.32 29.47
CA ARG A 144 -10.96 -1.93 30.77
C ARG A 144 -10.55 -0.48 31.06
N LYS A 145 -9.27 -0.14 30.86
CA LYS A 145 -8.80 1.22 31.04
C LYS A 145 -9.59 2.18 30.16
N TRP A 146 -9.76 1.83 28.87
CA TRP A 146 -10.36 2.76 27.92
C TRP A 146 -11.86 2.96 28.14
N GLU A 147 -12.59 1.92 28.57
CA GLU A 147 -13.98 2.05 28.97
C GLU A 147 -14.07 2.99 30.17
N GLN A 148 -13.23 2.80 31.19
CA GLN A 148 -13.23 3.72 32.32
C GLN A 148 -12.88 5.18 31.92
N ALA A 149 -12.14 5.39 30.83
CA ALA A 149 -11.71 6.73 30.44
C ALA A 149 -12.69 7.38 29.47
N GLY A 150 -13.72 6.65 29.03
CA GLY A 150 -14.66 7.13 28.03
C GLY A 150 -14.01 7.40 26.66
N ALA A 151 -13.04 6.56 26.29
CA ALA A 151 -12.30 6.70 25.04
C ALA A 151 -13.21 6.54 23.83
N ALA A 152 -14.17 5.62 23.91
CA ALA A 152 -14.95 5.22 22.74
C ALA A 152 -15.75 6.41 22.21
N GLU A 153 -16.32 7.20 23.13
CA GLU A 153 -17.20 8.29 22.73
C GLU A 153 -16.38 9.40 22.09
N ARG A 154 -15.20 9.66 22.66
CA ARG A 154 -14.29 10.66 22.12
C ARG A 154 -13.92 10.31 20.69
N ASP A 155 -13.59 9.02 20.45
CA ASP A 155 -13.16 8.52 19.15
C ASP A 155 -14.31 8.47 18.14
N ARG A 156 -15.52 8.12 18.59
CA ARG A 156 -16.72 8.18 17.76
C ARG A 156 -16.94 9.62 17.26
N ALA A 157 -16.69 10.61 18.13
CA ALA A 157 -16.89 12.00 17.76
C ALA A 157 -15.91 12.43 16.67
N TYR A 158 -14.64 11.97 16.73
CA TYR A 158 -13.69 12.21 15.63
C TYR A 158 -14.15 11.53 14.34
N LEU A 159 -14.48 10.23 14.39
CA LEU A 159 -14.84 9.46 13.21
C LEU A 159 -16.13 9.96 12.53
N GLU A 160 -17.09 10.43 13.33
CA GLU A 160 -18.38 10.89 12.81
C GLU A 160 -18.31 12.36 12.44
N GLY A 161 -17.35 13.08 13.03
CA GLY A 161 -17.28 14.52 12.86
C GLY A 161 -16.13 14.95 11.96
N GLU A 162 -14.98 15.24 12.59
CA GLU A 162 -13.79 15.74 11.90
C GLU A 162 -13.46 14.88 10.68
N CYS A 163 -13.45 13.56 10.84
CA CYS A 163 -13.03 12.67 9.77
C CYS A 163 -13.89 12.87 8.52
N VAL A 164 -15.22 12.82 8.70
CA VAL A 164 -16.21 12.98 7.64
C VAL A 164 -16.08 14.36 7.00
N GLU A 165 -15.95 15.41 7.84
CA GLU A 165 -15.85 16.80 7.40
C GLU A 165 -14.60 17.04 6.57
N TRP A 166 -13.45 16.56 7.05
CA TRP A 166 -12.18 16.74 6.35
C TRP A 166 -12.12 15.94 5.06
N LEU A 167 -12.69 14.73 5.02
CA LEU A 167 -12.71 13.94 3.80
C LEU A 167 -13.43 14.70 2.69
N ARG A 168 -14.59 15.30 3.02
CA ARG A 168 -15.43 16.07 2.11
C ARG A 168 -14.67 17.30 1.59
N ARG A 169 -13.85 17.90 2.46
CA ARG A 169 -13.05 19.04 2.07
C ARG A 169 -11.88 18.59 1.20
N TYR A 170 -11.23 17.48 1.55
CA TYR A 170 -10.16 16.93 0.71
C TYR A 170 -10.68 16.50 -0.67
N LEU A 171 -11.88 15.89 -0.75
CA LEU A 171 -12.45 15.46 -2.03
C LEU A 171 -12.71 16.67 -2.93
N LYS A 172 -13.04 17.81 -2.32
CA LYS A 172 -13.29 19.03 -3.09
C LYS A 172 -11.98 19.67 -3.54
N ASN A 173 -11.02 19.88 -2.62
CA ASN A 173 -9.75 20.52 -2.96
C ASN A 173 -8.92 19.65 -3.90
N GLY A 174 -8.93 18.34 -3.70
CA GLY A 174 -8.16 17.47 -4.55
C GLY A 174 -9.03 16.81 -5.63
N ASN A 175 -10.12 17.49 -6.02
CA ASN A 175 -11.14 17.06 -6.97
C ASN A 175 -10.52 16.57 -8.28
N ALA A 176 -9.45 17.26 -8.72
CA ALA A 176 -8.89 17.08 -10.05
C ALA A 176 -8.33 15.68 -10.21
N THR A 177 -7.51 15.27 -9.24
CA THR A 177 -6.77 14.02 -9.30
C THR A 177 -7.57 12.89 -8.65
N LEU A 178 -8.17 13.15 -7.48
CA LEU A 178 -8.80 12.09 -6.70
C LEU A 178 -10.00 11.48 -7.45
N LEU A 179 -10.81 12.32 -8.12
CA LEU A 179 -12.09 11.90 -8.69
C LEU A 179 -12.03 11.78 -10.21
N ARG A 180 -10.80 11.71 -10.75
CA ARG A 180 -10.63 11.58 -12.19
C ARG A 180 -10.79 10.10 -12.58
N THR A 181 -10.90 9.83 -13.88
CA THR A 181 -10.62 8.51 -14.41
C THR A 181 -9.58 8.65 -15.52
N ASP A 182 -8.68 7.65 -15.64
CA ASP A 182 -7.78 7.47 -16.78
C ASP A 182 -8.04 6.08 -17.36
N PRO A 183 -8.28 5.94 -18.68
CA PRO A 183 -8.58 4.63 -19.27
C PRO A 183 -7.33 3.75 -19.32
N PRO A 184 -7.47 2.41 -19.22
CA PRO A 184 -6.35 1.51 -19.50
C PRO A 184 -6.03 1.47 -20.99
N LYS A 185 -4.73 1.58 -21.32
CA LYS A 185 -4.20 1.25 -22.65
C LYS A 185 -3.76 -0.21 -22.67
N ALA A 186 -4.34 -1.02 -23.56
CA ALA A 186 -4.16 -2.46 -23.52
C ALA A 186 -3.48 -2.97 -24.79
N HIS A 187 -2.75 -4.07 -24.65
CA HIS A 187 -2.19 -4.79 -25.79
C HIS A 187 -1.99 -6.24 -25.38
N VAL A 188 -1.89 -7.12 -26.40
CA VAL A 188 -1.61 -8.54 -26.15
C VAL A 188 -0.23 -8.89 -26.70
N THR A 189 0.58 -9.59 -25.89
CA THR A 189 1.86 -10.16 -26.30
C THR A 189 1.71 -11.66 -26.55
N HIS A 190 2.75 -12.27 -27.16
CA HIS A 190 2.69 -13.64 -27.65
C HIS A 190 4.04 -14.34 -27.45
N HIS A 191 4.05 -15.48 -26.77
CA HIS A 191 5.31 -16.18 -26.48
C HIS A 191 5.18 -17.67 -26.75
N ARG A 192 6.02 -18.18 -27.64
CA ARG A 192 6.14 -19.61 -27.89
C ARG A 192 6.81 -20.27 -26.69
N ARG A 193 6.12 -21.27 -26.11
CA ARG A 193 6.64 -22.10 -25.03
C ARG A 193 7.34 -23.33 -25.63
N PRO A 194 8.29 -23.95 -24.88
CA PRO A 194 8.94 -25.18 -25.34
C PRO A 194 8.01 -26.39 -25.41
N GLU A 195 6.89 -26.39 -24.66
CA GLU A 195 5.90 -27.46 -24.70
C GLU A 195 5.19 -27.54 -26.05
N GLY A 196 5.32 -26.49 -26.89
CA GLY A 196 4.75 -26.48 -28.23
C GLY A 196 3.51 -25.59 -28.36
N ASP A 197 3.07 -24.97 -27.24
CA ASP A 197 1.91 -24.08 -27.16
C ASP A 197 2.42 -22.67 -26.83
N VAL A 198 1.51 -21.69 -26.69
CA VAL A 198 1.89 -20.30 -26.58
C VAL A 198 1.26 -19.65 -25.33
N THR A 199 1.92 -18.61 -24.82
CA THR A 199 1.40 -17.77 -23.75
C THR A 199 0.84 -16.49 -24.38
N LEU A 200 -0.45 -16.20 -24.14
CA LEU A 200 -1.00 -14.89 -24.49
C LEU A 200 -1.13 -14.09 -23.20
N ARG A 201 -0.49 -12.92 -23.18
CA ARG A 201 -0.51 -12.03 -22.02
C ARG A 201 -1.18 -10.72 -22.42
N CYS A 202 -2.28 -10.40 -21.71
CA CYS A 202 -3.06 -9.17 -21.88
C CYS A 202 -2.63 -8.11 -20.87
N TRP A 203 -2.09 -6.99 -21.38
CA TRP A 203 -1.65 -5.90 -20.53
C TRP A 203 -2.74 -4.83 -20.40
N ALA A 204 -2.84 -4.21 -19.20
CA ALA A 204 -3.62 -3.00 -18.99
C ALA A 204 -2.72 -1.99 -18.26
N LEU A 205 -2.42 -0.85 -18.92
CA LEU A 205 -1.47 0.13 -18.43
C LEU A 205 -2.07 1.53 -18.31
N GLY A 206 -1.57 2.28 -17.33
CA GLY A 206 -1.83 3.71 -17.18
C GLY A 206 -3.27 4.07 -16.78
N PHE A 207 -3.99 3.18 -16.08
CA PHE A 207 -5.37 3.44 -15.72
C PHE A 207 -5.47 4.00 -14.30
N TYR A 208 -6.53 4.77 -14.05
CA TYR A 208 -6.85 5.29 -12.74
C TYR A 208 -8.37 5.43 -12.68
N PRO A 209 -9.06 5.00 -11.61
CA PRO A 209 -8.44 4.37 -10.42
C PRO A 209 -8.14 2.88 -10.53
N ALA A 210 -7.64 2.29 -9.43
CA ALA A 210 -7.09 0.94 -9.41
C ALA A 210 -8.11 -0.14 -9.79
N ASP A 211 -9.39 0.04 -9.47
CA ASP A 211 -10.34 -1.00 -9.83
C ASP A 211 -10.33 -1.28 -11.33
N ILE A 212 -10.20 -2.56 -11.70
CA ILE A 212 -10.26 -3.00 -13.09
C ILE A 212 -10.58 -4.50 -13.11
N THR A 213 -11.14 -4.98 -14.23
CA THR A 213 -11.38 -6.41 -14.43
C THR A 213 -10.76 -6.84 -15.76
N LEU A 214 -9.76 -7.73 -15.68
CA LEU A 214 -9.15 -8.35 -16.86
C LEU A 214 -9.58 -9.81 -16.91
N THR A 215 -10.10 -10.25 -18.06
CA THR A 215 -10.50 -11.64 -18.24
C THR A 215 -10.15 -12.09 -19.65
N TRP A 216 -9.87 -13.38 -19.81
CA TRP A 216 -9.69 -14.01 -21.12
C TRP A 216 -10.91 -14.89 -21.41
N GLN A 217 -11.30 -14.95 -22.68
CA GLN A 217 -12.45 -15.72 -23.09
C GLN A 217 -12.10 -16.60 -24.29
N LEU A 218 -12.66 -17.82 -24.30
CA LEU A 218 -12.67 -18.69 -25.45
C LEU A 218 -14.13 -18.92 -25.81
N ASN A 219 -14.56 -18.34 -26.94
CA ASN A 219 -15.92 -18.44 -27.45
C ASN A 219 -16.92 -18.10 -26.33
N GLY A 220 -16.70 -16.99 -25.62
CA GLY A 220 -17.67 -16.49 -24.67
C GLY A 220 -17.56 -17.10 -23.27
N GLU A 221 -16.85 -18.23 -23.13
CA GLU A 221 -16.63 -18.81 -21.81
C GLU A 221 -15.55 -18.02 -21.08
N GLU A 222 -15.56 -18.06 -19.74
CA GLU A 222 -14.79 -17.08 -19.00
C GLU A 222 -13.35 -17.49 -18.65
N LEU A 223 -13.02 -18.80 -18.64
CA LEU A 223 -11.64 -19.26 -18.46
C LEU A 223 -11.01 -18.70 -17.17
N THR A 224 -11.84 -18.42 -16.17
CA THR A 224 -11.37 -17.83 -14.92
C THR A 224 -10.39 -18.80 -14.28
N GLN A 225 -10.73 -20.09 -14.41
CA GLN A 225 -10.05 -21.17 -13.71
C GLN A 225 -8.61 -21.39 -14.21
N GLU A 226 -8.26 -20.93 -15.42
CA GLU A 226 -6.97 -21.30 -16.00
C GLU A 226 -6.16 -20.06 -16.36
N MET A 227 -6.43 -18.94 -15.69
CA MET A 227 -5.80 -17.69 -16.09
C MET A 227 -4.83 -17.20 -15.00
N GLU A 228 -3.61 -16.82 -15.40
CA GLU A 228 -2.61 -16.27 -14.50
C GLU A 228 -2.87 -14.77 -14.37
N LEU A 229 -2.91 -14.27 -13.13
CA LEU A 229 -3.26 -12.89 -12.84
C LEU A 229 -2.21 -12.30 -11.90
N VAL A 230 -1.62 -11.17 -12.26
CA VAL A 230 -0.85 -10.41 -11.26
C VAL A 230 -1.76 -9.42 -10.55
N GLU A 231 -1.36 -9.11 -9.33
CA GLU A 231 -1.99 -8.10 -8.50
C GLU A 231 -1.81 -6.74 -9.17
N THR A 232 -2.83 -5.89 -9.10
CA THR A 232 -2.72 -4.53 -9.59
C THR A 232 -1.63 -3.80 -8.81
N ARG A 233 -0.77 -3.07 -9.54
CA ARG A 233 0.47 -2.58 -9.01
C ARG A 233 0.67 -1.13 -9.46
N PRO A 234 1.33 -0.28 -8.65
CA PRO A 234 1.51 1.13 -9.00
C PRO A 234 2.68 1.34 -9.95
N ALA A 235 2.42 2.12 -11.00
CA ALA A 235 3.43 2.46 -12.00
C ALA A 235 4.37 3.54 -11.46
N GLY A 236 3.96 4.20 -10.36
CA GLY A 236 4.85 5.12 -9.65
C GLY A 236 4.65 6.57 -10.06
N ASP A 237 3.61 6.82 -10.85
CA ASP A 237 3.21 8.14 -11.32
C ASP A 237 1.72 8.38 -11.05
N GLY A 238 1.10 7.59 -10.15
CA GLY A 238 -0.32 7.74 -9.85
C GLY A 238 -1.20 6.76 -10.63
N THR A 239 -0.65 6.06 -11.64
CA THR A 239 -1.44 5.13 -12.44
C THR A 239 -1.11 3.69 -12.05
N PHE A 240 -1.87 2.75 -12.63
CA PHE A 240 -1.74 1.34 -12.25
C PHE A 240 -1.54 0.47 -13.48
N GLN A 241 -0.96 -0.72 -13.25
CA GLN A 241 -0.67 -1.75 -14.24
C GLN A 241 -1.29 -3.06 -13.77
N LYS A 242 -1.63 -3.93 -14.74
CA LYS A 242 -2.11 -5.27 -14.45
C LYS A 242 -2.00 -6.10 -15.72
N TRP A 243 -1.78 -7.41 -15.57
CA TRP A 243 -1.84 -8.29 -16.73
C TRP A 243 -2.45 -9.64 -16.36
N ALA A 244 -3.01 -10.31 -17.36
CA ALA A 244 -3.57 -11.64 -17.22
C ALA A 244 -3.05 -12.46 -18.41
N SER A 245 -2.59 -13.69 -18.13
CA SER A 245 -2.07 -14.53 -19.20
C SER A 245 -2.88 -15.82 -19.25
N VAL A 246 -2.82 -16.50 -20.40
CA VAL A 246 -3.38 -17.83 -20.59
C VAL A 246 -2.40 -18.61 -21.47
N VAL A 247 -2.48 -19.95 -21.40
CA VAL A 247 -1.78 -20.81 -22.34
C VAL A 247 -2.79 -21.42 -23.31
N VAL A 248 -2.50 -21.28 -24.61
CA VAL A 248 -3.40 -21.68 -25.69
C VAL A 248 -2.61 -22.52 -26.70
N PRO A 249 -3.25 -23.42 -27.48
CA PRO A 249 -2.54 -24.18 -28.52
C PRO A 249 -1.93 -23.26 -29.59
N LEU A 250 -0.92 -23.77 -30.31
CA LEU A 250 -0.09 -22.95 -31.18
C LEU A 250 -0.86 -22.37 -32.38
N GLY A 251 -1.95 -23.02 -32.80
CA GLY A 251 -2.63 -22.48 -33.97
C GLY A 251 -3.96 -21.81 -33.67
N LYS A 252 -4.28 -21.59 -32.39
CA LYS A 252 -5.64 -21.23 -32.00
C LYS A 252 -5.67 -19.86 -31.31
N GLU A 253 -4.68 -19.00 -31.62
CA GLU A 253 -4.53 -17.65 -31.06
C GLU A 253 -5.81 -16.83 -31.25
N GLN A 254 -6.36 -16.85 -32.47
CA GLN A 254 -7.40 -15.93 -32.89
C GLN A 254 -8.74 -16.26 -32.22
N LYS A 255 -8.80 -17.34 -31.42
CA LYS A 255 -10.04 -17.80 -30.82
C LYS A 255 -10.20 -17.26 -29.39
N TYR A 256 -9.12 -16.69 -28.84
CA TYR A 256 -9.13 -16.14 -27.48
C TYR A 256 -9.23 -14.62 -27.52
N THR A 257 -10.01 -14.08 -26.58
CA THR A 257 -10.20 -12.65 -26.44
C THR A 257 -9.91 -12.23 -25.00
N CYS A 258 -9.21 -11.10 -24.88
CA CYS A 258 -9.07 -10.42 -23.63
C CYS A 258 -10.13 -9.30 -23.52
N HIS A 259 -10.72 -9.16 -22.33
CA HIS A 259 -11.72 -8.12 -22.09
C HIS A 259 -11.25 -7.24 -20.94
N VAL A 260 -11.33 -5.93 -21.15
CA VAL A 260 -10.96 -4.96 -20.12
C VAL A 260 -12.20 -4.12 -19.81
N GLU A 261 -12.58 -4.08 -18.51
CA GLU A 261 -13.65 -3.22 -18.01
C GLU A 261 -13.07 -2.25 -16.99
N HIS A 262 -13.36 -0.96 -17.18
CA HIS A 262 -12.84 0.13 -16.35
C HIS A 262 -13.77 1.32 -16.50
N GLU A 263 -13.83 2.13 -15.43
CA GLU A 263 -14.66 3.33 -15.33
C GLU A 263 -14.27 4.33 -16.42
N GLY A 264 -12.97 4.40 -16.76
CA GLY A 264 -12.48 5.37 -17.71
C GLY A 264 -12.81 5.02 -19.18
N LEU A 265 -13.26 3.79 -19.45
CA LEU A 265 -13.52 3.40 -20.83
C LEU A 265 -14.95 3.81 -21.23
N PRO A 266 -15.16 4.33 -22.47
CA PRO A 266 -16.53 4.61 -22.96
C PRO A 266 -17.23 3.27 -23.22
N GLU A 267 -16.45 2.28 -23.66
CA GLU A 267 -16.89 0.91 -23.91
C GLU A 267 -15.81 -0.03 -23.37
N PRO A 268 -16.16 -1.20 -22.81
CA PRO A 268 -15.14 -2.21 -22.50
C PRO A 268 -14.37 -2.64 -23.75
N LEU A 269 -13.06 -2.89 -23.59
CA LEU A 269 -12.19 -3.24 -24.71
C LEU A 269 -12.30 -4.73 -25.01
N THR A 270 -12.10 -5.12 -26.27
CA THR A 270 -11.90 -6.53 -26.59
C THR A 270 -10.63 -6.68 -27.43
N LEU A 271 -9.64 -7.43 -26.94
CA LEU A 271 -8.38 -7.58 -27.68
C LEU A 271 -8.19 -9.03 -28.10
N ARG A 272 -7.27 -9.21 -29.05
CA ARG A 272 -6.92 -10.49 -29.63
C ARG A 272 -5.44 -10.42 -30.04
N TRP A 273 -4.73 -11.55 -29.97
CA TRP A 273 -3.43 -11.59 -30.60
C TRP A 273 -3.62 -11.44 -32.11
N GLY A 274 -3.01 -10.37 -32.65
CA GLY A 274 -3.31 -9.78 -33.95
C GLY A 274 -2.76 -10.60 -35.09
N ILE B 2 3.64 -13.97 13.01
CA ILE B 2 4.80 -13.24 13.59
C ILE B 2 5.81 -12.89 12.50
N GLN B 3 5.83 -13.65 11.39
CA GLN B 3 6.80 -13.41 10.32
C GLN B 3 6.23 -13.78 8.94
N LYS B 4 6.29 -12.83 7.98
CA LYS B 4 5.71 -12.99 6.65
C LYS B 4 6.76 -12.70 5.58
N THR B 5 6.89 -13.62 4.61
CA THR B 5 7.85 -13.50 3.51
C THR B 5 7.32 -12.46 2.51
N PRO B 6 8.15 -11.50 2.07
CA PRO B 6 7.72 -10.46 1.11
C PRO B 6 7.44 -11.03 -0.27
N GLN B 7 6.44 -10.47 -0.97
CA GLN B 7 6.24 -10.76 -2.37
C GLN B 7 6.84 -9.60 -3.17
N ILE B 8 7.51 -9.91 -4.29
CA ILE B 8 8.27 -8.96 -5.08
C ILE B 8 7.83 -9.00 -6.53
N GLN B 9 7.59 -7.83 -7.12
CA GLN B 9 7.40 -7.68 -8.56
C GLN B 9 8.35 -6.59 -9.07
N VAL B 10 9.00 -6.87 -10.21
CA VAL B 10 9.89 -5.93 -10.86
C VAL B 10 9.32 -5.64 -12.26
N TYR B 11 9.18 -4.36 -12.59
CA TYR B 11 8.54 -3.91 -13.82
C TYR B 11 8.89 -2.46 -14.12
N SER B 12 8.56 -2.04 -15.33
CA SER B 12 8.89 -0.71 -15.82
C SER B 12 7.65 0.19 -15.76
N ARG B 13 7.91 1.47 -15.51
CA ARG B 13 6.87 2.49 -15.50
C ARG B 13 6.24 2.57 -16.89
N HIS B 14 7.08 2.51 -17.93
CA HIS B 14 6.67 2.59 -19.33
C HIS B 14 7.12 1.31 -20.05
N PRO B 15 6.40 0.83 -21.09
CA PRO B 15 6.85 -0.36 -21.81
C PRO B 15 8.28 -0.16 -22.31
N PRO B 16 9.19 -1.15 -22.19
CA PRO B 16 10.62 -0.91 -22.44
C PRO B 16 10.96 -0.63 -23.90
N GLU B 17 11.83 0.37 -24.12
CA GLU B 17 12.35 0.70 -25.44
C GLU B 17 13.85 0.99 -25.35
N ASN B 18 14.66 0.13 -26.00
CA ASN B 18 16.12 0.11 -25.85
C ASN B 18 16.72 1.47 -26.17
N GLY B 19 17.48 2.03 -25.23
CA GLY B 19 18.15 3.31 -25.41
C GLY B 19 17.36 4.50 -24.84
N LYS B 20 16.08 4.29 -24.48
CA LYS B 20 15.26 5.35 -23.92
C LYS B 20 15.21 5.26 -22.39
N PRO B 21 15.50 6.38 -21.67
CA PRO B 21 15.37 6.44 -20.21
C PRO B 21 13.98 6.06 -19.71
N ASN B 22 13.95 5.42 -18.53
CA ASN B 22 12.74 4.85 -17.94
C ASN B 22 12.96 4.77 -16.43
N ILE B 23 11.91 4.32 -15.72
CA ILE B 23 11.96 4.00 -14.30
C ILE B 23 11.60 2.52 -14.11
N LEU B 24 12.44 1.85 -13.31
CA LEU B 24 12.30 0.47 -12.91
C LEU B 24 11.75 0.40 -11.49
N ASN B 25 10.60 -0.31 -11.36
CA ASN B 25 9.88 -0.46 -10.11
C ASN B 25 10.16 -1.80 -9.46
N CYS B 26 10.32 -1.76 -8.13
CA CYS B 26 10.33 -2.96 -7.33
C CYS B 26 9.29 -2.78 -6.22
N TYR B 27 8.17 -3.47 -6.39
CA TYR B 27 7.02 -3.38 -5.51
C TYR B 27 7.03 -4.58 -4.57
N VAL B 28 7.37 -4.33 -3.29
CA VAL B 28 7.53 -5.36 -2.29
C VAL B 28 6.38 -5.26 -1.29
N THR B 29 5.68 -6.37 -1.05
CA THR B 29 4.41 -6.37 -0.35
C THR B 29 4.28 -7.55 0.60
N GLN B 30 3.32 -7.47 1.51
CA GLN B 30 2.94 -8.58 2.38
C GLN B 30 4.07 -9.07 3.30
N PHE B 31 4.92 -8.16 3.79
CA PHE B 31 6.02 -8.58 4.67
C PHE B 31 5.83 -8.05 6.09
N HIS B 32 6.37 -8.78 7.08
CA HIS B 32 6.40 -8.39 8.48
C HIS B 32 7.56 -9.12 9.14
N PRO B 33 8.41 -8.50 10.00
CA PRO B 33 8.33 -7.10 10.42
C PRO B 33 8.65 -6.06 9.34
N PRO B 34 8.46 -4.75 9.60
CA PRO B 34 8.71 -3.72 8.59
C PRO B 34 10.17 -3.51 8.19
N HIS B 35 11.14 -3.93 9.01
CA HIS B 35 12.53 -3.64 8.65
C HIS B 35 12.92 -4.43 7.39
N ILE B 36 13.40 -3.73 6.36
CA ILE B 36 13.73 -4.35 5.08
C ILE B 36 14.81 -3.55 4.35
N GLU B 37 15.56 -4.26 3.50
CA GLU B 37 16.64 -3.69 2.72
C GLU B 37 16.38 -4.03 1.26
N ILE B 38 16.20 -3.00 0.43
CA ILE B 38 15.91 -3.19 -0.99
C ILE B 38 17.00 -2.49 -1.81
N GLN B 39 17.60 -3.23 -2.74
CA GLN B 39 18.57 -2.67 -3.67
C GLN B 39 18.28 -3.20 -5.08
N MET B 40 18.70 -2.43 -6.09
CA MET B 40 18.46 -2.73 -7.49
C MET B 40 19.79 -2.91 -8.23
N LEU B 41 19.90 -3.97 -9.01
CA LEU B 41 21.17 -4.33 -9.61
C LEU B 41 21.12 -4.15 -11.13
N LYS B 42 22.32 -3.96 -11.71
CA LYS B 42 22.55 -3.95 -13.14
C LYS B 42 23.80 -4.79 -13.40
N ASN B 43 23.60 -5.94 -14.06
CA ASN B 43 24.65 -6.92 -14.34
C ASN B 43 25.38 -7.37 -13.06
N GLY B 44 24.64 -7.49 -11.95
CA GLY B 44 25.22 -7.94 -10.69
C GLY B 44 25.67 -6.80 -9.77
N LYS B 45 25.90 -5.60 -10.34
CA LYS B 45 26.41 -4.43 -9.63
C LYS B 45 25.26 -3.56 -9.14
N LYS B 46 25.41 -2.99 -7.94
CA LYS B 46 24.38 -2.18 -7.27
C LYS B 46 24.18 -0.85 -8.01
N ILE B 47 22.91 -0.43 -8.15
CA ILE B 47 22.57 0.88 -8.72
C ILE B 47 22.70 1.95 -7.65
N PRO B 48 23.48 3.03 -7.89
CA PRO B 48 23.81 4.02 -6.86
C PRO B 48 22.63 4.76 -6.26
N LYS B 49 21.79 5.40 -7.10
CA LYS B 49 20.66 6.16 -6.59
C LYS B 49 19.40 5.29 -6.70
N VAL B 50 18.81 4.92 -5.56
CA VAL B 50 17.56 4.16 -5.56
C VAL B 50 16.59 4.78 -4.56
N GLU B 51 15.50 5.33 -5.09
CA GLU B 51 14.54 6.11 -4.32
C GLU B 51 13.33 5.23 -4.03
N MET B 52 12.78 5.38 -2.81
CA MET B 52 11.70 4.55 -2.30
C MET B 52 10.52 5.41 -1.84
N SER B 53 9.30 4.91 -2.04
CA SER B 53 8.08 5.55 -1.53
C SER B 53 8.04 5.36 -0.02
N ASP B 54 7.10 6.03 0.65
CA ASP B 54 6.88 5.73 2.05
C ASP B 54 6.38 4.30 2.21
N MET B 55 6.85 3.66 3.29
CA MET B 55 6.31 2.37 3.66
C MET B 55 4.94 2.57 4.28
N SER B 56 4.03 1.66 3.95
CA SER B 56 2.70 1.62 4.55
C SER B 56 2.28 0.16 4.75
N PHE B 57 1.10 -0.06 5.34
CA PHE B 57 0.59 -1.40 5.61
C PHE B 57 -0.84 -1.52 5.09
N SER B 58 -1.25 -2.76 4.88
CA SER B 58 -2.51 -3.10 4.22
C SER B 58 -3.48 -3.54 5.27
N LYS B 59 -4.71 -3.86 4.85
CA LYS B 59 -5.79 -4.11 5.79
C LYS B 59 -5.43 -5.26 6.73
N ASP B 60 -4.49 -6.13 6.31
CA ASP B 60 -4.12 -7.31 7.08
C ASP B 60 -2.94 -7.04 8.03
N TRP B 61 -2.55 -5.76 8.19
CA TRP B 61 -1.40 -5.38 9.00
C TRP B 61 -0.05 -5.73 8.37
N SER B 62 0.01 -6.06 7.07
CA SER B 62 1.28 -6.47 6.49
C SER B 62 1.81 -5.32 5.64
N PHE B 63 3.14 -5.16 5.60
CA PHE B 63 3.76 -3.96 5.05
C PHE B 63 4.01 -4.07 3.54
N TYR B 64 4.11 -2.90 2.90
CA TYR B 64 4.45 -2.78 1.48
C TYR B 64 5.24 -1.50 1.25
N ILE B 65 5.97 -1.48 0.12
CA ILE B 65 6.79 -0.34 -0.25
C ILE B 65 7.13 -0.45 -1.74
N LEU B 66 7.33 0.72 -2.36
CA LEU B 66 7.70 0.83 -3.75
C LEU B 66 9.08 1.48 -3.84
N ALA B 67 10.08 0.69 -4.22
CA ALA B 67 11.38 1.17 -4.64
C ALA B 67 11.43 1.35 -6.15
N HIS B 68 12.18 2.35 -6.59
CA HIS B 68 12.32 2.67 -8.01
C HIS B 68 13.66 3.38 -8.24
N THR B 69 14.12 3.34 -9.50
CA THR B 69 15.34 4.00 -9.93
C THR B 69 15.24 4.35 -11.41
N GLU B 70 16.09 5.30 -11.85
CA GLU B 70 16.24 5.60 -13.26
C GLU B 70 17.16 4.58 -13.93
N PHE B 71 16.74 4.14 -15.11
CA PHE B 71 17.55 3.22 -15.89
C PHE B 71 17.23 3.44 -17.36
N THR B 72 18.23 3.13 -18.20
CA THR B 72 18.08 3.10 -19.64
C THR B 72 18.25 1.64 -20.05
N PRO B 73 17.16 0.92 -20.41
CA PRO B 73 17.28 -0.48 -20.83
C PRO B 73 18.04 -0.65 -22.15
N THR B 74 18.92 -1.66 -22.22
CA THR B 74 19.65 -2.06 -23.43
C THR B 74 19.27 -3.51 -23.77
N GLU B 75 19.72 -3.98 -24.93
CA GLU B 75 19.38 -5.32 -25.38
C GLU B 75 19.94 -6.36 -24.42
N THR B 76 21.10 -6.06 -23.81
CA THR B 76 21.97 -7.07 -23.23
C THR B 76 22.02 -6.97 -21.70
N ASP B 77 21.66 -5.81 -21.15
CA ASP B 77 21.80 -5.53 -19.71
C ASP B 77 20.71 -6.21 -18.88
N THR B 78 21.13 -6.83 -17.77
CA THR B 78 20.28 -7.61 -16.88
C THR B 78 20.01 -6.83 -15.58
N TYR B 79 18.73 -6.61 -15.24
CA TYR B 79 18.36 -5.80 -14.08
C TYR B 79 17.60 -6.63 -13.07
N ALA B 80 17.74 -6.26 -11.79
CA ALA B 80 17.15 -7.06 -10.74
C ALA B 80 16.86 -6.21 -9.51
N CYS B 81 16.05 -6.79 -8.62
CA CYS B 81 15.77 -6.21 -7.34
C CYS B 81 16.22 -7.21 -6.28
N ARG B 82 17.12 -6.80 -5.36
CA ARG B 82 17.56 -7.70 -4.29
C ARG B 82 16.98 -7.24 -2.95
N VAL B 83 16.28 -8.16 -2.28
CA VAL B 83 15.53 -7.84 -1.08
C VAL B 83 16.06 -8.67 0.09
N LYS B 84 16.48 -7.97 1.16
CA LYS B 84 16.95 -8.63 2.37
C LYS B 84 15.94 -8.37 3.49
N HIS B 85 15.43 -9.45 4.10
CA HIS B 85 14.42 -9.39 5.14
C HIS B 85 14.67 -10.49 6.19
N ALA B 86 14.30 -10.23 7.46
CA ALA B 86 14.52 -11.12 8.60
C ALA B 86 13.84 -12.48 8.39
N SER B 87 12.84 -12.56 7.48
CA SER B 87 12.09 -13.79 7.22
C SER B 87 12.87 -14.72 6.29
N MET B 88 14.01 -14.26 5.77
CA MET B 88 14.74 -15.01 4.75
C MET B 88 16.18 -15.25 5.17
N ALA B 89 16.62 -16.51 5.01
CA ALA B 89 17.98 -16.91 5.32
C ALA B 89 18.97 -16.11 4.48
N GLU B 90 18.64 -15.91 3.19
CA GLU B 90 19.53 -15.29 2.22
C GLU B 90 18.76 -14.20 1.50
N PRO B 91 19.42 -13.10 1.03
CA PRO B 91 18.71 -12.08 0.23
C PRO B 91 18.07 -12.71 -1.01
N LYS B 92 16.93 -12.19 -1.44
CA LYS B 92 16.20 -12.74 -2.57
C LYS B 92 16.37 -11.80 -3.75
N THR B 93 16.81 -12.35 -4.89
CA THR B 93 16.97 -11.58 -6.11
C THR B 93 15.89 -11.95 -7.14
N VAL B 94 15.14 -10.96 -7.62
CA VAL B 94 14.17 -11.18 -8.68
C VAL B 94 14.62 -10.35 -9.89
N TYR B 95 14.72 -11.02 -11.05
CA TYR B 95 15.21 -10.38 -12.26
C TYR B 95 14.05 -9.79 -13.05
N TRP B 96 14.33 -8.67 -13.72
CA TRP B 96 13.39 -7.98 -14.58
C TRP B 96 13.17 -8.80 -15.86
N ASP B 97 11.90 -8.95 -16.22
CA ASP B 97 11.48 -9.60 -17.45
C ASP B 97 10.77 -8.55 -18.29
N ARG B 98 11.21 -8.40 -19.54
CA ARG B 98 10.69 -7.36 -20.43
C ARG B 98 9.22 -7.58 -20.80
N ASP B 99 8.66 -8.76 -20.48
CA ASP B 99 7.25 -9.03 -20.71
C ASP B 99 6.52 -9.50 -19.44
N MET B 100 6.98 -9.04 -18.25
CA MET B 100 6.28 -9.25 -16.99
C MET B 100 6.30 -8.00 -16.06
N THR C 1 -7.76 15.54 8.37
CA THR C 1 -6.78 15.55 9.50
C THR C 1 -6.88 14.25 10.25
N GLY C 2 -5.75 13.86 10.84
CA GLY C 2 -5.63 12.60 11.56
C GLY C 2 -6.14 12.66 13.01
N ALA C 3 -6.11 11.50 13.66
CA ALA C 3 -6.68 11.32 14.98
C ALA C 3 -5.57 11.46 16.03
N ALA C 4 -5.95 11.91 17.23
CA ALA C 4 -5.06 11.90 18.38
C ALA C 4 -5.35 10.68 19.24
N SER C 5 -4.25 10.04 19.70
CA SER C 5 -4.31 8.88 20.57
C SER C 5 -3.93 9.33 21.98
N PHE C 6 -4.92 9.83 22.73
CA PHE C 6 -4.75 10.32 24.09
C PHE C 6 -4.66 9.17 25.09
N ASP C 7 -5.24 8.01 24.76
CA ASP C 7 -5.37 6.88 25.67
C ASP C 7 -4.27 5.84 25.44
N GLU C 8 -3.55 5.50 26.52
CA GLU C 8 -2.39 4.63 26.48
C GLU C 8 -2.82 3.23 26.94
N PHE C 9 -1.98 2.21 26.64
CA PHE C 9 -2.34 0.82 26.90
C PHE C 9 -2.49 0.56 28.40
#